data_3E42
#
_entry.id   3E42
#
_cell.length_a   50.030
_cell.length_b   90.140
_cell.length_c   66.440
_cell.angle_alpha   90.00
_cell.angle_beta   104.40
_cell.angle_gamma   90.00
#
_symmetry.space_group_name_H-M   'P 1 21 1'
#
loop_
_entity.id
_entity.type
_entity.pdbx_description
1 polymer 'Type-2 restriction enzyme HindII'
2 polymer "5'-D(*DGP*DCP*DCP*DGP*DGP*DTP*DCP*DGP*DAP*DCP*DCP*DGP*DGP*DC)-3'"
3 non-polymer 'SODIUM ION'
4 non-polymer 'CALCIUM ION'
5 water water
#
loop_
_entity_poly.entity_id
_entity_poly.type
_entity_poly.pdbx_seq_one_letter_code
_entity_poly.pdbx_strand_id
1 'polypeptide(L)'
;SFIKPIYQDINSILIGQKVKRPKSGTLSGHAAGEPFEKLVYKFLKENLSDLTFKQYEYLNDLFMKNPAIIGHEARYKLFN
SPTLLFLLSRGKAATENWSIENLFEEKQNDTADILLVKDQFYELLDVKTRNISKSAFAPNIISAYKLAQTCAKMIDNKEF
DLFDINYLEVDWELNGEDLVCVSTSFAELFKSEPSELYINWAAAMQIQFHVRDLDQGFNGTREEWAKSYLKHFVTQAEQR
AISMIDKFVKPFKKYIL
;
A,B
2 'polydeoxyribonucleotide' (DG)(DC)(DC)(DG)(DG)(DT)(DC)(DG)(DA)(DC)(DC)(DG)(DG)(DC) E,F
#
loop_
_chem_comp.id
_chem_comp.type
_chem_comp.name
_chem_comp.formula
CA non-polymer 'CALCIUM ION' 'Ca 2'
DA DNA linking 2'-DEOXYADENOSINE-5'-MONOPHOSPHATE 'C10 H14 N5 O6 P'
DC DNA linking 2'-DEOXYCYTIDINE-5'-MONOPHOSPHATE 'C9 H14 N3 O7 P'
DG DNA linking 2'-DEOXYGUANOSINE-5'-MONOPHOSPHATE 'C10 H14 N5 O7 P'
DT DNA linking THYMIDINE-5'-MONOPHOSPHATE 'C10 H15 N2 O8 P'
NA non-polymer 'SODIUM ION' 'Na 1'
#
# COMPACT_ATOMS: atom_id res chain seq x y z
N SER A 1 14.66 -18.39 17.40
CA SER A 1 14.86 -18.23 15.97
C SER A 1 15.79 -19.29 15.40
N PHE A 2 15.36 -19.90 14.31
CA PHE A 2 16.17 -20.91 13.67
C PHE A 2 17.26 -20.31 12.80
N ILE A 3 17.10 -19.07 12.37
CA ILE A 3 18.05 -18.52 11.39
C ILE A 3 19.16 -17.68 11.99
N LYS A 4 18.97 -17.22 13.22
CA LYS A 4 20.05 -16.52 13.91
C LYS A 4 21.34 -17.34 13.86
N PRO A 5 21.30 -18.61 14.30
CA PRO A 5 22.48 -19.48 14.33
C PRO A 5 23.32 -19.42 13.06
N ILE A 6 22.75 -18.95 11.96
CA ILE A 6 23.49 -18.90 10.71
C ILE A 6 23.28 -17.58 10.00
N TYR A 7 22.74 -16.60 10.74
CA TYR A 7 22.60 -15.26 10.23
C TYR A 7 23.89 -14.77 9.57
N GLN A 8 25.03 -15.04 10.21
CA GLN A 8 26.33 -14.56 9.71
C GLN A 8 26.61 -15.02 8.29
N ASP A 9 26.31 -16.29 8.02
CA ASP A 9 26.49 -16.83 6.69
C ASP A 9 25.47 -16.23 5.74
N ILE A 10 24.22 -16.11 6.19
CA ILE A 10 23.21 -15.50 5.34
C ILE A 10 23.67 -14.09 5.03
N ASN A 11 23.98 -13.35 6.10
CA ASN A 11 24.51 -12.01 5.98
C ASN A 11 25.58 -11.94 4.87
N SER A 12 26.65 -12.71 5.05
CA SER A 12 27.75 -12.70 4.11
C SER A 12 27.34 -13.03 2.67
N ILE A 13 26.55 -14.10 2.53
CA ILE A 13 26.09 -14.54 1.21
C ILE A 13 25.35 -13.44 0.48
N LEU A 14 24.29 -12.94 1.08
CA LEU A 14 23.41 -11.97 0.43
C LEU A 14 24.18 -10.73 0.00
N ILE A 15 24.97 -10.18 0.90
CA ILE A 15 25.85 -9.07 0.56
C ILE A 15 26.61 -9.42 -0.71
N GLY A 16 26.42 -8.62 -1.74
CA GLY A 16 27.05 -8.89 -3.02
C GLY A 16 26.07 -9.39 -4.07
N GLN A 17 25.17 -10.28 -3.68
CA GLN A 17 24.20 -10.81 -4.63
C GLN A 17 23.56 -9.69 -5.43
N LYS A 18 23.22 -9.96 -6.69
CA LYS A 18 22.66 -8.92 -7.54
C LYS A 18 21.28 -9.32 -8.03
N VAL A 19 20.63 -8.41 -8.76
CA VAL A 19 19.31 -8.64 -9.32
C VAL A 19 19.11 -7.78 -10.55
N LYS A 20 18.30 -8.24 -11.48
CA LYS A 20 17.93 -7.46 -12.66
C LYS A 20 17.33 -6.11 -12.25
N ARG A 21 16.80 -5.36 -13.20
CA ARG A 21 16.15 -4.09 -12.89
C ARG A 21 14.91 -3.90 -13.77
N PRO A 22 13.89 -3.22 -13.22
CA PRO A 22 12.63 -2.94 -13.92
C PRO A 22 12.85 -2.37 -15.33
N ALA A 31 7.44 -2.78 -4.91
CA ALA A 31 8.36 -3.62 -4.15
C ALA A 31 9.75 -3.82 -4.83
N ALA A 32 10.35 -2.73 -5.30
CA ALA A 32 11.54 -2.76 -6.18
C ALA A 32 12.57 -3.88 -5.93
N GLY A 33 13.05 -3.99 -4.69
CA GLY A 33 14.03 -5.01 -4.35
C GLY A 33 13.42 -6.28 -3.81
N GLU A 34 12.14 -6.49 -4.11
CA GLU A 34 11.43 -7.69 -3.65
C GLU A 34 12.17 -8.98 -3.99
N PRO A 35 12.70 -9.10 -5.21
CA PRO A 35 13.41 -10.32 -5.59
C PRO A 35 14.58 -10.66 -4.67
N PHE A 36 15.05 -9.69 -3.89
CA PHE A 36 16.08 -10.02 -2.91
C PHE A 36 15.55 -11.07 -1.94
N GLU A 37 14.24 -11.06 -1.77
CA GLU A 37 13.55 -12.06 -0.96
C GLU A 37 13.59 -13.46 -1.61
N LYS A 38 13.41 -13.53 -2.93
CA LYS A 38 13.50 -14.82 -3.61
C LYS A 38 14.85 -15.47 -3.29
N LEU A 39 15.91 -14.66 -3.16
CA LEU A 39 17.23 -15.16 -2.77
C LEU A 39 17.29 -15.67 -1.34
N VAL A 40 16.79 -14.88 -0.40
CA VAL A 40 16.75 -15.31 1.00
C VAL A 40 16.08 -16.68 1.07
N TYR A 41 14.95 -16.82 0.39
CA TYR A 41 14.23 -18.08 0.35
C TYR A 41 15.08 -19.20 -0.25
N LYS A 42 15.87 -18.88 -1.27
CA LYS A 42 16.77 -19.85 -1.89
C LYS A 42 17.85 -20.31 -0.93
N PHE A 43 18.46 -19.37 -0.21
CA PHE A 43 19.52 -19.71 0.73
C PHE A 43 18.96 -20.56 1.87
N LEU A 44 17.99 -20.02 2.58
CA LEU A 44 17.24 -20.80 3.54
C LEU A 44 16.94 -22.19 3.00
N LYS A 45 16.35 -22.24 1.81
CA LYS A 45 15.99 -23.51 1.19
C LYS A 45 17.19 -24.41 0.86
N GLU A 46 18.40 -23.85 0.86
CA GLU A 46 19.61 -24.65 0.62
C GLU A 46 20.32 -25.13 1.90
N ASN A 47 20.04 -24.49 3.03
CA ASN A 47 20.72 -24.86 4.25
C ASN A 47 19.77 -25.18 5.42
N LEU A 48 18.47 -24.95 5.22
CA LEU A 48 17.49 -25.38 6.20
C LEU A 48 16.36 -26.16 5.53
N SER A 49 16.73 -26.87 4.46
CA SER A 49 15.80 -27.68 3.65
C SER A 49 14.45 -28.02 4.29
N ASP A 50 14.48 -28.78 5.39
CA ASP A 50 13.26 -29.32 5.98
C ASP A 50 12.40 -28.33 6.76
N LEU A 51 12.93 -27.14 7.01
CA LEU A 51 12.26 -26.17 7.85
C LEU A 51 11.64 -25.01 7.06
N THR A 52 12.10 -24.81 5.83
CA THR A 52 11.77 -23.61 5.06
C THR A 52 10.58 -23.75 4.12
N PHE A 53 9.61 -22.86 4.28
CA PHE A 53 8.40 -22.86 3.48
C PHE A 53 7.99 -21.46 3.15
N LYS A 54 7.47 -21.24 1.96
CA LYS A 54 6.65 -20.05 1.73
C LYS A 54 5.37 -20.35 2.47
N GLN A 55 4.64 -19.31 2.87
CA GLN A 55 3.41 -19.52 3.65
C GLN A 55 2.42 -20.43 2.92
N TYR A 56 2.10 -20.07 1.68
CA TYR A 56 1.22 -20.91 0.86
C TYR A 56 1.80 -22.31 0.73
N GLU A 57 3.09 -22.39 0.43
CA GLU A 57 3.77 -23.66 0.37
C GLU A 57 3.49 -24.49 1.62
N TYR A 58 3.49 -23.84 2.77
CA TYR A 58 3.25 -24.52 4.03
C TYR A 58 1.83 -25.06 4.12
N LEU A 59 0.88 -24.20 3.78
CA LEU A 59 -0.52 -24.60 3.69
C LEU A 59 -0.72 -25.74 2.70
N ASN A 60 -0.06 -25.65 1.56
CA ASN A 60 -0.16 -26.69 0.55
C ASN A 60 0.27 -28.05 1.09
N ASP A 61 1.42 -28.11 1.74
CA ASP A 61 1.90 -29.37 2.31
C ASP A 61 0.94 -29.84 3.40
N LEU A 62 0.51 -28.92 4.25
CA LEU A 62 -0.47 -29.26 5.27
C LEU A 62 -1.68 -30.01 4.70
N PHE A 63 -2.34 -29.46 3.66
CA PHE A 63 -3.55 -30.09 3.13
C PHE A 63 -3.30 -31.32 2.24
N MET A 64 -2.15 -31.37 1.58
CA MET A 64 -1.74 -32.58 0.84
C MET A 64 -1.56 -33.81 1.73
N LYS A 65 -1.14 -33.59 2.98
CA LYS A 65 -0.89 -34.70 3.90
C LYS A 65 -2.18 -35.22 4.47
N ASN A 66 -3.28 -34.51 4.27
CA ASN A 66 -4.57 -34.99 4.77
C ASN A 66 -5.69 -34.82 3.75
N PRO A 67 -5.55 -35.47 2.59
CA PRO A 67 -6.44 -35.32 1.43
C PRO A 67 -7.86 -35.81 1.72
N ALA A 68 -8.01 -36.58 2.80
CA ALA A 68 -9.32 -37.05 3.24
C ALA A 68 -10.09 -35.92 3.91
N ILE A 69 -9.36 -34.93 4.40
CA ILE A 69 -9.94 -33.85 5.17
C ILE A 69 -10.29 -32.69 4.25
N ILE A 70 -11.50 -32.70 3.70
CA ILE A 70 -11.94 -31.68 2.77
C ILE A 70 -12.84 -30.68 3.48
N GLY A 71 -13.23 -29.61 2.80
CA GLY A 71 -14.04 -28.59 3.44
C GLY A 71 -13.25 -27.75 4.43
N HIS A 72 -13.59 -26.47 4.51
CA HIS A 72 -12.77 -25.55 5.29
C HIS A 72 -12.78 -25.82 6.80
N GLU A 73 -13.96 -26.04 7.37
CA GLU A 73 -14.05 -26.22 8.81
C GLU A 73 -13.11 -27.32 9.28
N ALA A 74 -13.07 -28.42 8.54
CA ALA A 74 -12.29 -29.60 8.94
C ALA A 74 -10.83 -29.35 8.65
N ARG A 75 -10.59 -28.66 7.55
CA ARG A 75 -9.24 -28.30 7.18
C ARG A 75 -8.62 -27.33 8.19
N TYR A 76 -9.42 -26.37 8.66
CA TYR A 76 -8.97 -25.43 9.70
C TYR A 76 -8.58 -26.16 10.99
N LYS A 77 -9.21 -27.30 11.24
CA LYS A 77 -8.92 -27.99 12.50
C LYS A 77 -7.50 -28.55 12.49
N LEU A 78 -6.91 -28.59 11.31
CA LEU A 78 -5.59 -29.21 11.13
C LEU A 78 -4.45 -28.42 11.74
N PHE A 79 -4.74 -27.20 12.16
CA PHE A 79 -3.72 -26.32 12.72
C PHE A 79 -3.43 -26.62 14.19
N ASN A 80 -4.45 -27.04 14.91
CA ASN A 80 -4.29 -27.26 16.34
C ASN A 80 -3.59 -26.06 16.97
N SER A 81 -4.27 -24.93 16.93
CA SER A 81 -3.71 -23.65 17.37
C SER A 81 -4.53 -22.54 16.74
N PRO A 82 -5.40 -21.89 17.54
CA PRO A 82 -6.18 -20.75 17.03
C PRO A 82 -5.32 -19.58 16.55
N THR A 83 -4.22 -19.31 17.23
CA THR A 83 -3.37 -18.21 16.83
C THR A 83 -2.75 -18.44 15.46
N LEU A 84 -2.03 -19.55 15.32
CA LEU A 84 -1.40 -19.90 14.04
C LEU A 84 -2.47 -19.99 12.97
N LEU A 85 -3.64 -20.52 13.33
CA LEU A 85 -4.76 -20.51 12.42
C LEU A 85 -4.99 -19.08 11.93
N PHE A 86 -5.03 -18.16 12.89
CA PHE A 86 -5.27 -16.77 12.59
C PHE A 86 -4.22 -16.11 11.69
N LEU A 87 -2.96 -16.46 11.91
CA LEU A 87 -1.85 -15.82 11.22
C LEU A 87 -1.55 -16.38 9.84
N LEU A 88 -1.92 -17.64 9.62
CA LEU A 88 -1.47 -18.36 8.43
C LEU A 88 -2.59 -18.77 7.48
N SER A 89 -3.81 -18.89 8.00
CA SER A 89 -4.90 -19.48 7.24
C SER A 89 -5.45 -18.62 6.11
N ARG A 90 -5.83 -19.25 5.02
CA ARG A 90 -6.57 -18.55 3.99
C ARG A 90 -8.07 -18.51 4.31
N GLY A 91 -8.80 -17.76 3.51
CA GLY A 91 -10.23 -17.61 3.70
C GLY A 91 -10.98 -18.91 3.54
N LYS A 92 -12.24 -18.88 3.95
CA LYS A 92 -13.07 -20.06 4.01
C LYS A 92 -13.25 -20.71 2.67
N ALA A 93 -13.75 -19.93 1.72
CA ALA A 93 -13.97 -20.43 0.37
C ALA A 93 -12.66 -20.91 -0.19
N ALA A 94 -11.60 -20.12 0.00
CA ALA A 94 -10.30 -20.47 -0.54
C ALA A 94 -9.87 -21.84 -0.05
N THR A 95 -10.11 -22.10 1.24
CA THR A 95 -9.79 -23.38 1.85
C THR A 95 -10.75 -24.46 1.35
N GLU A 96 -11.99 -24.08 1.13
CA GLU A 96 -13.02 -24.97 0.62
C GLU A 96 -12.61 -25.53 -0.75
N ASN A 97 -12.00 -24.66 -1.54
CA ASN A 97 -11.73 -24.94 -2.94
C ASN A 97 -10.31 -25.44 -3.23
N TRP A 98 -9.47 -25.38 -2.20
CA TRP A 98 -8.12 -25.91 -2.34
C TRP A 98 -8.20 -27.34 -2.89
N SER A 99 -7.22 -27.71 -3.70
CA SER A 99 -7.03 -29.10 -4.10
C SER A 99 -5.67 -29.24 -4.78
N ILE A 100 -5.20 -30.48 -4.93
CA ILE A 100 -3.92 -30.73 -5.56
C ILE A 100 -3.82 -30.13 -6.96
N GLU A 101 -4.92 -30.13 -7.71
CA GLU A 101 -4.96 -29.52 -9.04
C GLU A 101 -5.14 -28.01 -8.95
N ASN A 102 -5.42 -27.52 -7.75
CA ASN A 102 -5.79 -26.13 -7.54
C ASN A 102 -5.13 -25.60 -6.27
N LEU A 103 -3.81 -25.69 -6.23
CA LEU A 103 -3.00 -25.26 -5.09
C LEU A 103 -3.11 -23.79 -4.76
N PHE A 104 -2.73 -23.45 -3.52
CA PHE A 104 -2.55 -22.07 -3.12
C PHE A 104 -1.34 -21.50 -3.82
N GLU A 105 -1.43 -20.23 -4.18
CA GLU A 105 -0.27 -19.51 -4.67
C GLU A 105 -0.10 -18.20 -3.91
N GLU A 106 1.00 -17.49 -4.19
CA GLU A 106 1.33 -16.29 -3.44
C GLU A 106 0.11 -15.39 -3.26
N LYS A 107 0.15 -14.57 -2.22
CA LYS A 107 -0.96 -13.70 -1.94
C LYS A 107 -0.41 -12.47 -1.25
N GLN A 108 -0.63 -11.32 -1.89
CA GLN A 108 -0.11 -10.03 -1.45
C GLN A 108 -0.18 -9.86 0.07
N ASN A 109 -1.34 -10.15 0.64
CA ASN A 109 -1.57 -9.83 2.04
C ASN A 109 -1.21 -10.93 3.06
N ASP A 110 -0.55 -12.00 2.61
CA ASP A 110 -0.10 -13.05 3.51
C ASP A 110 0.80 -12.45 4.60
N THR A 111 0.71 -13.01 5.80
CA THR A 111 1.48 -12.51 6.96
C THR A 111 2.99 -12.61 6.77
N ALA A 112 3.48 -13.82 6.50
CA ALA A 112 4.91 -14.07 6.41
C ALA A 112 5.40 -14.28 5.00
N ASP A 113 6.65 -13.90 4.75
CA ASP A 113 7.31 -14.21 3.50
C ASP A 113 7.82 -15.65 3.53
N ILE A 114 8.26 -16.06 4.71
CA ILE A 114 8.94 -17.33 4.88
C ILE A 114 8.64 -17.91 6.26
N LEU A 115 8.28 -19.19 6.30
CA LEU A 115 8.12 -19.89 7.56
C LEU A 115 9.29 -20.81 7.82
N LEU A 116 9.86 -20.74 9.02
CA LEU A 116 10.84 -21.72 9.47
C LEU A 116 10.18 -22.51 10.56
N VAL A 117 10.07 -23.82 10.36
CA VAL A 117 9.30 -24.65 11.27
C VAL A 117 10.06 -25.88 11.69
N LYS A 118 10.40 -25.97 12.98
CA LYS A 118 11.00 -27.18 13.52
C LYS A 118 10.32 -27.59 14.82
N ASP A 119 10.16 -28.90 15.00
CA ASP A 119 9.56 -29.40 16.23
C ASP A 119 8.32 -28.62 16.62
N GLN A 120 7.42 -28.43 15.67
CA GLN A 120 6.17 -27.72 15.94
C GLN A 120 6.37 -26.34 16.57
N PHE A 121 7.55 -25.76 16.38
CA PHE A 121 7.74 -24.35 16.71
C PHE A 121 7.87 -23.54 15.43
N TYR A 122 7.31 -22.34 15.43
CA TYR A 122 7.20 -21.55 14.20
C TYR A 122 7.90 -20.20 14.27
N GLU A 123 8.77 -19.96 13.30
CA GLU A 123 9.34 -18.65 13.11
C GLU A 123 8.80 -18.05 11.82
N LEU A 124 7.97 -17.03 11.96
CA LEU A 124 7.46 -16.29 10.81
C LEU A 124 8.46 -15.23 10.42
N LEU A 125 9.11 -15.40 9.27
CA LEU A 125 10.11 -14.43 8.81
C LEU A 125 9.49 -13.57 7.77
N ASP A 126 9.75 -12.28 7.90
CA ASP A 126 9.28 -11.30 6.93
C ASP A 126 10.51 -10.52 6.52
N VAL A 127 10.65 -10.30 5.22
CA VAL A 127 11.83 -9.68 4.68
C VAL A 127 11.49 -8.27 4.24
N LYS A 128 12.01 -7.28 4.94
CA LYS A 128 11.84 -5.91 4.49
C LYS A 128 13.01 -5.52 3.60
N THR A 129 12.74 -5.19 2.34
CA THR A 129 13.79 -4.66 1.47
C THR A 129 13.86 -3.13 1.57
N ARG A 130 14.94 -2.53 1.08
CA ARG A 130 15.15 -1.09 1.28
C ARG A 130 16.20 -0.43 0.40
N ASN A 131 15.82 0.69 -0.18
CA ASN A 131 16.72 1.51 -0.98
C ASN A 131 17.44 2.53 -0.11
N ILE A 132 18.69 2.23 0.26
CA ILE A 132 19.48 3.16 1.07
C ILE A 132 19.93 4.38 0.26
N SER A 133 19.94 4.25 -1.06
CA SER A 133 20.26 5.38 -1.92
C SER A 133 19.26 6.45 -1.58
N LYS A 134 18.00 6.06 -1.66
CA LYS A 134 16.87 6.96 -1.46
C LYS A 134 16.64 7.26 0.02
N SER A 135 15.74 8.19 0.29
CA SER A 135 15.38 8.57 1.66
C SER A 135 15.28 7.38 2.61
N ALA A 136 15.20 7.65 3.89
CA ALA A 136 15.10 6.57 4.87
C ALA A 136 13.71 6.49 5.51
N PHE A 137 12.70 6.30 4.67
CA PHE A 137 11.29 6.24 5.12
C PHE A 137 10.98 4.86 5.69
N ALA A 138 10.79 4.77 6.99
CA ALA A 138 10.54 3.48 7.61
C ALA A 138 9.29 2.78 7.02
N PRO A 139 9.39 1.47 6.74
CA PRO A 139 8.35 0.77 5.98
C PRO A 139 7.29 0.12 6.87
N ASN A 140 6.12 -0.17 6.32
CA ASN A 140 5.12 -0.93 7.06
C ASN A 140 5.74 -2.22 7.58
N ILE A 141 5.61 -2.48 8.88
CA ILE A 141 6.19 -3.70 9.44
C ILE A 141 5.18 -4.82 9.51
N ILE A 142 4.09 -4.55 10.22
CA ILE A 142 2.97 -5.47 10.27
C ILE A 142 1.84 -4.65 10.84
N SER A 143 0.61 -5.07 10.55
CA SER A 143 -0.56 -4.37 11.08
C SER A 143 -0.53 -4.38 12.60
N ALA A 144 -0.66 -3.20 13.20
CA ALA A 144 -0.81 -3.10 14.65
C ALA A 144 -2.07 -3.86 15.09
N TYR A 145 -3.16 -3.72 14.32
CA TYR A 145 -4.42 -4.39 14.62
C TYR A 145 -4.27 -5.91 14.55
N LYS A 146 -3.66 -6.40 13.48
CA LYS A 146 -3.49 -7.84 13.35
C LYS A 146 -2.65 -8.35 14.53
N LEU A 147 -1.62 -7.60 14.89
CA LEU A 147 -0.76 -7.97 15.99
C LEU A 147 -1.54 -7.99 17.30
N ALA A 148 -2.53 -7.11 17.42
CA ALA A 148 -3.36 -7.04 18.60
C ALA A 148 -4.24 -8.28 18.76
N GLN A 149 -4.94 -8.64 17.69
CA GLN A 149 -5.70 -9.89 17.68
C GLN A 149 -4.79 -11.09 17.97
N THR A 150 -3.55 -11.01 17.50
CA THR A 150 -2.58 -12.04 17.78
C THR A 150 -2.33 -12.17 19.27
N CYS A 151 -2.00 -11.06 19.91
CA CYS A 151 -1.82 -11.07 21.35
C CYS A 151 -3.07 -11.60 22.09
N ALA A 152 -4.23 -11.04 21.78
CA ALA A 152 -5.44 -11.49 22.44
C ALA A 152 -5.46 -13.00 22.42
N LYS A 153 -5.28 -13.56 21.23
CA LYS A 153 -5.41 -14.99 21.04
C LYS A 153 -4.32 -15.73 21.77
N MET A 154 -3.16 -15.09 21.92
CA MET A 154 -2.09 -15.70 22.70
C MET A 154 -2.47 -15.91 24.16
N ILE A 155 -3.15 -14.93 24.75
CA ILE A 155 -3.55 -15.08 26.15
C ILE A 155 -4.68 -16.09 26.24
N ASP A 156 -5.68 -15.89 25.39
CA ASP A 156 -6.91 -16.65 25.47
C ASP A 156 -6.70 -18.15 25.44
N ASN A 157 -5.69 -18.58 24.69
CA ASN A 157 -5.37 -19.99 24.55
C ASN A 157 -4.07 -20.34 25.24
N LYS A 158 -3.49 -19.36 25.93
CA LYS A 158 -2.28 -19.60 26.69
C LYS A 158 -1.20 -20.22 25.80
N GLU A 159 -1.06 -19.69 24.59
CA GLU A 159 -0.03 -20.15 23.66
C GLU A 159 1.15 -19.20 23.64
N PHE A 160 2.00 -19.26 24.65
CA PHE A 160 3.12 -18.32 24.71
C PHE A 160 4.46 -18.86 24.19
N ASP A 161 4.51 -20.14 23.85
CA ASP A 161 5.76 -20.71 23.33
C ASP A 161 5.57 -21.31 21.94
N LEU A 162 4.59 -20.80 21.21
CA LEU A 162 4.27 -21.40 19.94
C LEU A 162 5.16 -20.92 18.80
N PHE A 163 5.44 -19.62 18.76
CA PHE A 163 5.96 -19.01 17.54
C PHE A 163 6.54 -17.64 17.80
N ASP A 164 7.46 -17.23 16.92
CA ASP A 164 8.04 -15.89 16.96
C ASP A 164 7.77 -15.19 15.64
N ILE A 165 7.87 -13.87 15.64
CA ILE A 165 7.80 -13.08 14.40
C ILE A 165 9.05 -12.25 14.21
N ASN A 166 9.85 -12.59 13.20
CA ASN A 166 11.15 -11.95 13.02
C ASN A 166 11.35 -11.33 11.63
N TYR A 167 12.34 -10.44 11.52
CA TYR A 167 12.52 -9.62 10.34
C TYR A 167 13.96 -9.65 9.84
N LEU A 168 14.12 -9.68 8.53
CA LEU A 168 15.43 -9.57 7.93
C LEU A 168 15.44 -8.44 6.94
N GLU A 169 15.96 -7.29 7.36
CA GLU A 169 16.19 -6.19 6.45
C GLU A 169 17.37 -6.51 5.53
N VAL A 170 17.17 -6.20 4.25
CA VAL A 170 18.16 -6.41 3.22
C VAL A 170 18.35 -5.09 2.50
N ASP A 171 19.50 -4.47 2.73
CA ASP A 171 19.82 -3.16 2.16
C ASP A 171 20.45 -3.29 0.80
N TRP A 172 20.12 -2.37 -0.10
CA TRP A 172 20.68 -2.40 -1.43
C TRP A 172 20.78 -1.00 -2.01
N GLU A 173 21.62 -0.86 -3.04
CA GLU A 173 21.77 0.40 -3.75
C GLU A 173 21.78 0.07 -5.23
N LEU A 174 21.41 1.05 -6.05
CA LEU A 174 21.46 0.89 -7.49
C LEU A 174 22.88 1.06 -8.04
N ASN A 175 23.30 0.08 -8.85
CA ASN A 175 24.57 0.16 -9.57
C ASN A 175 24.41 -0.20 -11.05
N GLY A 176 24.24 0.82 -11.87
CA GLY A 176 24.03 0.62 -13.29
C GLY A 176 22.62 0.17 -13.59
N GLU A 177 22.50 -1.07 -14.05
CA GLU A 177 21.20 -1.69 -14.29
C GLU A 177 21.06 -2.93 -13.41
N ASP A 178 21.85 -2.97 -12.35
CA ASP A 178 21.82 -4.08 -11.40
C ASP A 178 21.61 -3.58 -9.97
N LEU A 179 20.85 -4.34 -9.18
CA LEU A 179 20.60 -4.00 -7.79
C LEU A 179 21.43 -4.91 -6.89
N VAL A 180 22.25 -4.32 -6.03
CA VAL A 180 23.17 -5.13 -5.24
C VAL A 180 23.05 -4.86 -3.74
N CYS A 181 23.00 -5.93 -2.96
CA CYS A 181 22.82 -5.79 -1.52
C CYS A 181 24.13 -5.43 -0.79
N VAL A 182 24.07 -4.36 0.00
CA VAL A 182 25.25 -3.75 0.59
C VAL A 182 25.36 -4.08 2.06
N SER A 183 24.26 -4.55 2.63
CA SER A 183 24.17 -4.84 4.05
C SER A 183 22.78 -5.38 4.40
N THR A 184 22.69 -5.96 5.59
CA THR A 184 21.47 -6.57 6.07
C THR A 184 21.39 -6.43 7.58
N SER A 185 20.18 -6.52 8.14
CA SER A 185 20.01 -6.52 9.59
C SER A 185 19.00 -7.59 9.93
N PHE A 186 18.97 -8.00 11.19
CA PHE A 186 18.01 -9.01 11.63
C PHE A 186 17.52 -8.64 13.01
N ALA A 187 16.23 -8.83 13.30
CA ALA A 187 15.64 -8.54 14.62
C ALA A 187 14.44 -9.42 14.96
N GLU A 188 14.08 -9.48 16.25
CA GLU A 188 12.92 -10.24 16.73
C GLU A 188 11.84 -9.39 17.40
N LEU A 189 10.66 -9.36 16.80
CA LEU A 189 9.57 -8.53 17.32
C LEU A 189 9.40 -8.67 18.82
N PHE A 190 9.22 -9.91 19.27
CA PHE A 190 8.96 -10.21 20.66
C PHE A 190 10.17 -10.04 21.59
N LYS A 191 11.23 -9.41 21.12
CA LYS A 191 12.35 -9.08 21.98
C LYS A 191 12.50 -7.58 22.06
N SER A 192 11.50 -6.86 21.56
CA SER A 192 11.53 -5.41 21.54
C SER A 192 10.59 -4.88 22.60
N GLU A 193 10.80 -3.63 23.00
CA GLU A 193 9.89 -3.05 23.95
C GLU A 193 8.57 -2.79 23.23
N PRO A 194 7.50 -3.51 23.64
CA PRO A 194 6.16 -3.34 23.08
C PRO A 194 5.73 -1.86 23.01
N SER A 195 5.82 -1.16 24.13
CA SER A 195 5.35 0.22 24.22
C SER A 195 6.11 1.23 23.37
N GLU A 196 7.24 0.85 22.78
CA GLU A 196 8.04 1.83 22.02
C GLU A 196 7.78 1.79 20.51
N LEU A 197 7.02 0.78 20.10
CA LEU A 197 6.69 0.54 18.69
C LEU A 197 5.80 1.64 18.10
N TYR A 198 6.17 2.14 16.92
CA TYR A 198 5.40 3.20 16.24
C TYR A 198 4.26 2.71 15.33
N ILE A 199 3.03 3.04 15.72
CA ILE A 199 1.87 2.66 14.91
C ILE A 199 1.48 3.81 14.00
N ASN A 200 1.64 3.60 12.70
CA ASN A 200 1.19 4.58 11.70
C ASN A 200 -0.23 4.26 11.20
N TRP A 201 -1.21 4.83 11.89
CA TRP A 201 -2.62 4.56 11.65
C TRP A 201 -3.06 4.74 10.20
N ALA A 202 -2.71 5.87 9.59
CA ALA A 202 -3.04 6.06 8.18
C ALA A 202 -2.37 5.02 7.30
N ALA A 203 -1.12 4.68 7.62
CA ALA A 203 -0.38 3.72 6.80
C ALA A 203 -0.84 2.30 7.07
N ALA A 204 -2.09 2.01 6.72
CA ALA A 204 -2.72 0.70 6.96
C ALA A 204 -2.54 0.19 8.39
N MET A 205 -2.43 1.12 9.35
CA MET A 205 -2.34 0.81 10.79
C MET A 205 -1.13 -0.04 11.09
N GLN A 206 -0.01 0.33 10.50
CA GLN A 206 1.15 -0.53 10.52
C GLN A 206 2.23 -0.06 11.47
N ILE A 207 2.66 -0.94 12.35
CA ILE A 207 3.92 -0.78 13.06
C ILE A 207 4.94 -0.38 12.00
N GLN A 208 5.78 0.60 12.32
CA GLN A 208 6.77 1.06 11.34
C GLN A 208 8.14 1.20 11.98
N PHE A 209 9.12 0.50 11.43
CA PHE A 209 10.48 0.70 11.87
C PHE A 209 11.47 0.15 10.89
N HIS A 210 12.74 0.51 11.10
CA HIS A 210 13.83 -0.09 10.35
C HIS A 210 14.42 -1.14 11.27
N VAL A 211 14.73 -2.31 10.72
CA VAL A 211 15.25 -3.42 11.49
C VAL A 211 16.56 -3.10 12.23
N ARG A 212 17.49 -2.40 11.57
CA ARG A 212 18.74 -2.05 12.25
C ARG A 212 18.50 -1.17 13.47
N ASP A 213 17.37 -0.46 13.49
CA ASP A 213 17.09 0.50 14.56
C ASP A 213 16.28 -0.12 15.70
N LEU A 214 15.92 -1.38 15.55
CA LEU A 214 15.01 -1.98 16.51
C LEU A 214 15.70 -2.57 17.75
N ASP A 215 15.30 -2.10 18.91
CA ASP A 215 15.87 -2.55 20.17
C ASP A 215 15.47 -3.99 20.49
N GLN A 216 16.27 -4.67 21.31
CA GLN A 216 16.05 -6.08 21.65
C GLN A 216 16.21 -6.36 23.14
N GLY A 217 16.20 -5.29 23.94
CA GLY A 217 16.38 -5.43 25.37
C GLY A 217 15.22 -5.93 26.21
N PHE A 218 14.12 -6.33 25.58
CA PHE A 218 12.95 -6.75 26.36
C PHE A 218 13.28 -7.93 27.28
N ASN A 219 12.63 -8.01 28.44
CA ASN A 219 12.97 -9.05 29.41
C ASN A 219 11.86 -10.05 29.66
N GLY A 220 10.75 -9.56 30.22
CA GLY A 220 9.66 -10.39 30.69
C GLY A 220 9.30 -11.59 29.84
N THR A 221 8.22 -12.25 30.23
CA THR A 221 7.73 -13.39 29.48
C THR A 221 6.98 -12.95 28.19
N ARG A 222 6.82 -13.91 27.28
CA ARG A 222 6.06 -13.70 26.05
C ARG A 222 4.67 -13.20 26.41
N GLU A 223 4.10 -13.75 27.47
CA GLU A 223 2.79 -13.31 27.95
C GLU A 223 2.80 -11.86 28.41
N GLU A 224 3.84 -11.47 29.12
CA GLU A 224 3.92 -10.09 29.55
C GLU A 224 3.98 -9.14 28.35
N TRP A 225 4.72 -9.53 27.32
CA TRP A 225 4.81 -8.80 26.06
C TRP A 225 3.41 -8.55 25.43
N ALA A 226 2.59 -9.59 25.36
CA ALA A 226 1.30 -9.45 24.73
C ALA A 226 0.47 -8.42 25.46
N LYS A 227 0.44 -8.55 26.79
CA LYS A 227 -0.33 -7.68 27.66
C LYS A 227 0.12 -6.24 27.46
N SER A 228 1.42 -6.04 27.51
CA SER A 228 2.02 -4.73 27.40
C SER A 228 1.72 -4.14 26.02
N TYR A 229 1.86 -4.96 24.99
CA TYR A 229 1.53 -4.50 23.65
C TYR A 229 0.07 -4.06 23.56
N LEU A 230 -0.83 -4.88 24.08
CA LEU A 230 -2.25 -4.56 24.05
C LEU A 230 -2.51 -3.21 24.76
N LYS A 231 -1.77 -2.94 25.82
CA LYS A 231 -1.86 -1.64 26.49
C LYS A 231 -1.47 -0.53 25.53
N HIS A 232 -0.27 -0.64 24.99
CA HIS A 232 0.20 0.31 24.01
C HIS A 232 -0.88 0.54 22.95
N PHE A 233 -1.19 -0.52 22.20
CA PHE A 233 -2.17 -0.46 21.12
C PHE A 233 -3.42 0.34 21.49
N VAL A 234 -4.11 -0.10 22.54
CA VAL A 234 -5.34 0.55 23.02
C VAL A 234 -5.13 2.03 23.34
N THR A 235 -4.04 2.32 24.05
CA THR A 235 -3.66 3.69 24.33
C THR A 235 -3.49 4.56 23.08
N GLN A 236 -2.70 4.09 22.11
CA GLN A 236 -2.51 4.82 20.87
C GLN A 236 -3.81 4.90 20.11
N ALA A 237 -4.63 3.87 20.26
CA ALA A 237 -5.92 3.85 19.59
C ALA A 237 -6.86 4.94 20.13
N GLU A 238 -6.83 5.17 21.43
CA GLU A 238 -7.61 6.25 22.04
C GLU A 238 -7.10 7.64 21.63
N GLN A 239 -5.79 7.79 21.57
CA GLN A 239 -5.18 9.05 21.16
C GLN A 239 -5.46 9.35 19.69
N ARG A 240 -5.49 8.32 18.86
CA ARG A 240 -5.62 8.55 17.45
C ARG A 240 -7.02 9.04 17.17
N ALA A 241 -8.01 8.44 17.81
CA ALA A 241 -9.39 8.88 17.64
C ALA A 241 -9.49 10.39 17.87
N ILE A 242 -8.95 10.84 19.00
CA ILE A 242 -8.90 12.26 19.36
C ILE A 242 -8.09 13.09 18.35
N SER A 243 -6.94 12.58 17.94
CA SER A 243 -6.12 13.26 16.97
C SER A 243 -6.89 13.55 15.70
N MET A 244 -7.87 12.70 15.40
CA MET A 244 -8.63 12.80 14.15
C MET A 244 -9.50 14.04 14.09
N ILE A 245 -10.15 14.36 15.20
CA ILE A 245 -10.94 15.57 15.31
C ILE A 245 -10.07 16.80 15.05
N ASP A 246 -8.91 16.84 15.68
CA ASP A 246 -8.01 17.99 15.50
C ASP A 246 -7.41 18.11 14.10
N LYS A 247 -7.12 16.98 13.47
CA LYS A 247 -6.47 17.00 12.15
C LYS A 247 -7.45 16.94 10.99
N PHE A 248 -8.52 16.18 11.12
CA PHE A 248 -9.39 15.99 9.96
C PHE A 248 -10.76 16.64 10.07
N VAL A 249 -11.05 17.24 11.21
CA VAL A 249 -12.32 17.94 11.35
C VAL A 249 -12.15 19.45 11.49
N LYS A 250 -11.48 19.87 12.58
CA LYS A 250 -11.29 21.29 12.86
C LYS A 250 -10.81 22.11 11.64
N PRO A 251 -9.82 21.59 10.89
CA PRO A 251 -9.29 22.39 9.78
C PRO A 251 -10.31 22.62 8.67
N PHE A 252 -11.39 21.82 8.65
CA PHE A 252 -12.32 21.87 7.52
C PHE A 252 -13.72 22.31 7.88
N LYS A 253 -14.00 22.42 9.18
CA LYS A 253 -15.30 22.85 9.67
C LYS A 253 -15.74 24.20 9.07
N LYS A 254 -14.77 25.06 8.74
CA LYS A 254 -15.08 26.41 8.27
C LYS A 254 -15.65 26.52 6.86
N TYR A 255 -15.30 25.56 5.99
CA TYR A 255 -15.84 25.55 4.64
C TYR A 255 -17.29 25.10 4.68
N ILE A 256 -17.71 24.64 5.86
CA ILE A 256 -19.08 24.20 6.09
C ILE A 256 -19.83 25.22 6.96
N SER B 1 -13.71 16.92 -20.11
CA SER B 1 -12.32 16.49 -20.21
C SER B 1 -11.87 16.40 -21.67
N PHE B 2 -10.57 16.27 -21.86
CA PHE B 2 -10.01 16.12 -23.20
C PHE B 2 -10.04 14.65 -23.59
N ILE B 3 -10.38 13.80 -22.63
CA ILE B 3 -10.40 12.36 -22.84
C ILE B 3 -11.75 11.87 -23.32
N LYS B 4 -12.82 12.32 -22.67
CA LYS B 4 -14.13 11.74 -22.91
C LYS B 4 -14.54 11.75 -24.38
N PRO B 5 -14.35 12.90 -25.06
CA PRO B 5 -14.67 13.01 -26.48
C PRO B 5 -14.21 11.83 -27.34
N ILE B 6 -13.00 11.33 -27.10
CA ILE B 6 -12.48 10.21 -27.89
C ILE B 6 -12.51 8.86 -27.17
N TYR B 7 -13.37 8.73 -26.16
CA TYR B 7 -13.44 7.49 -25.38
C TYR B 7 -13.82 6.26 -26.20
N GLN B 8 -14.42 6.47 -27.37
CA GLN B 8 -14.72 5.35 -28.27
C GLN B 8 -13.39 4.77 -28.76
N ASP B 9 -12.58 5.65 -29.37
CA ASP B 9 -11.25 5.29 -29.85
C ASP B 9 -10.50 4.51 -28.78
N ILE B 10 -10.16 5.19 -27.69
CA ILE B 10 -9.45 4.59 -26.57
C ILE B 10 -9.93 3.17 -26.31
N ASN B 11 -11.23 3.05 -26.06
CA ASN B 11 -11.87 1.77 -25.82
C ASN B 11 -11.49 0.74 -26.88
N SER B 12 -11.83 1.04 -28.12
CA SER B 12 -11.59 0.14 -29.26
C SER B 12 -10.20 -0.47 -29.24
N ILE B 13 -9.19 0.39 -29.13
CA ILE B 13 -7.80 -0.07 -29.24
C ILE B 13 -7.40 -0.96 -28.06
N LEU B 14 -7.89 -0.61 -26.87
CA LEU B 14 -7.46 -1.27 -25.63
C LEU B 14 -7.83 -2.74 -25.55
N ILE B 15 -9.05 -3.07 -25.94
CA ILE B 15 -9.51 -4.45 -25.87
C ILE B 15 -8.75 -5.35 -26.84
N GLY B 16 -8.18 -6.43 -26.32
CA GLY B 16 -7.39 -7.36 -27.11
C GLY B 16 -5.89 -7.22 -26.92
N GLN B 17 -5.48 -6.12 -26.30
CA GLN B 17 -4.05 -5.86 -26.09
C GLN B 17 -3.53 -6.61 -24.87
N LYS B 18 -2.33 -7.17 -25.01
CA LYS B 18 -1.77 -8.01 -23.95
C LYS B 18 -0.47 -7.44 -23.42
N GLU B 34 0.68 -5.63 -13.73
CA GLU B 34 -0.33 -5.22 -14.70
C GLU B 34 -0.07 -3.81 -15.25
N PRO B 35 1.09 -3.64 -15.87
CA PRO B 35 1.53 -2.37 -16.45
C PRO B 35 0.75 -2.03 -17.72
N PHE B 36 -0.40 -1.40 -17.54
CA PHE B 36 -1.25 -0.99 -18.64
C PHE B 36 -1.22 0.52 -18.79
N GLU B 37 -0.87 1.23 -17.71
CA GLU B 37 -0.74 2.69 -17.76
C GLU B 37 0.15 3.06 -18.93
N LYS B 38 0.98 2.12 -19.35
CA LYS B 38 1.85 2.32 -20.50
C LYS B 38 1.04 2.45 -21.77
N LEU B 39 0.31 1.39 -22.12
CA LEU B 39 -0.51 1.36 -23.33
C LEU B 39 -1.40 2.60 -23.43
N VAL B 40 -2.23 2.81 -22.41
CA VAL B 40 -3.10 3.98 -22.38
C VAL B 40 -2.31 5.21 -22.81
N TYR B 41 -1.20 5.45 -22.10
CA TYR B 41 -0.35 6.60 -22.37
C TYR B 41 0.01 6.68 -23.84
N LYS B 42 0.47 5.56 -24.41
CA LYS B 42 0.86 5.53 -25.81
C LYS B 42 -0.22 6.17 -26.68
N PHE B 43 -1.33 5.45 -26.82
CA PHE B 43 -2.46 5.93 -27.62
C PHE B 43 -2.62 7.44 -27.53
N LEU B 44 -2.65 7.96 -26.30
CA LEU B 44 -2.85 9.38 -26.07
C LEU B 44 -1.71 10.26 -26.63
N LYS B 45 -0.46 9.81 -26.46
CA LYS B 45 0.68 10.52 -27.05
C LYS B 45 0.58 10.52 -28.57
N GLU B 46 0.29 9.34 -29.12
CA GLU B 46 0.13 9.18 -30.56
C GLU B 46 -1.08 9.96 -31.12
N ASN B 47 -2.01 10.35 -30.25
CA ASN B 47 -3.23 11.03 -30.71
C ASN B 47 -3.41 12.44 -30.15
N LEU B 48 -2.77 12.70 -29.02
CA LEU B 48 -2.82 14.03 -28.41
C LEU B 48 -1.40 14.52 -28.14
N SER B 49 -0.49 14.17 -29.04
CA SER B 49 0.91 14.57 -28.96
C SER B 49 1.14 15.75 -28.01
N ASP B 50 0.46 16.85 -28.25
CA ASP B 50 0.75 18.07 -27.49
C ASP B 50 -0.24 18.33 -26.35
N LEU B 51 -0.73 17.27 -25.73
CA LEU B 51 -1.59 17.43 -24.56
C LEU B 51 -1.15 16.48 -23.45
N THR B 52 -0.43 15.43 -23.84
CA THR B 52 -0.14 14.31 -22.97
C THR B 52 1.22 14.37 -22.27
N PHE B 53 1.21 14.27 -20.94
CA PHE B 53 2.43 14.16 -20.16
C PHE B 53 2.29 13.14 -19.03
N LYS B 54 3.37 12.43 -18.70
CA LYS B 54 3.42 11.77 -17.41
C LYS B 54 3.58 12.94 -16.45
N GLN B 55 3.04 12.83 -15.25
CA GLN B 55 3.09 13.95 -14.32
C GLN B 55 4.50 14.54 -14.26
N TYR B 56 5.51 13.68 -14.25
CA TYR B 56 6.88 14.15 -14.09
C TYR B 56 7.41 14.81 -15.36
N GLU B 57 7.09 14.21 -16.52
CA GLU B 57 7.45 14.81 -17.79
C GLU B 57 6.95 16.26 -17.84
N TYR B 58 5.68 16.45 -17.52
CA TYR B 58 5.14 17.79 -17.46
C TYR B 58 6.05 18.71 -16.65
N LEU B 59 6.58 18.19 -15.55
CA LEU B 59 7.34 19.01 -14.61
C LEU B 59 8.71 19.35 -15.18
N ASN B 60 9.30 18.38 -15.87
CA ASN B 60 10.51 18.64 -16.60
C ASN B 60 10.27 19.80 -17.56
N ASP B 61 9.31 19.63 -18.46
CA ASP B 61 8.95 20.66 -19.44
C ASP B 61 8.74 22.05 -18.83
N LEU B 62 7.91 22.14 -17.80
CA LEU B 62 7.63 23.41 -17.16
C LEU B 62 8.90 24.05 -16.62
N PHE B 63 9.89 23.23 -16.29
CA PHE B 63 11.14 23.75 -15.74
C PHE B 63 12.18 23.95 -16.84
N MET B 64 12.06 23.17 -17.91
CA MET B 64 12.97 23.30 -19.04
C MET B 64 12.69 24.56 -19.84
N LYS B 65 11.40 24.90 -19.93
CA LYS B 65 10.93 26.06 -20.70
C LYS B 65 10.99 27.31 -19.83
N ASN B 66 11.76 27.26 -18.76
CA ASN B 66 12.01 28.45 -17.95
C ASN B 66 13.39 28.43 -17.31
N PRO B 67 14.44 28.32 -18.13
CA PRO B 67 15.83 28.24 -17.63
C PRO B 67 16.21 29.40 -16.71
N ALA B 68 15.59 30.55 -16.96
CA ALA B 68 15.85 31.77 -16.18
C ALA B 68 15.66 31.56 -14.67
N ILE B 69 14.44 31.21 -14.25
CA ILE B 69 14.12 31.15 -12.82
C ILE B 69 14.58 29.84 -12.18
N ILE B 70 15.25 29.95 -11.03
CA ILE B 70 15.79 28.76 -10.34
C ILE B 70 15.55 28.83 -8.83
N GLY B 71 15.83 27.74 -8.13
CA GLY B 71 15.43 27.63 -6.73
C GLY B 71 13.96 27.23 -6.64
N HIS B 72 13.49 26.84 -5.47
CA HIS B 72 12.12 26.35 -5.36
C HIS B 72 11.07 27.46 -5.26
N GLU B 73 11.26 28.41 -4.35
CA GLU B 73 10.33 29.51 -4.23
C GLU B 73 9.94 29.98 -5.63
N ALA B 74 10.92 30.44 -6.38
CA ALA B 74 10.69 30.93 -7.73
C ALA B 74 9.98 29.89 -8.59
N ARG B 75 10.54 28.68 -8.64
CA ARG B 75 10.01 27.64 -9.53
C ARG B 75 8.57 27.30 -9.23
N TYR B 76 8.21 27.26 -7.95
CA TYR B 76 6.84 27.00 -7.54
C TYR B 76 5.89 28.03 -8.14
N LYS B 77 6.41 29.21 -8.45
CA LYS B 77 5.59 30.29 -8.96
C LYS B 77 5.11 29.98 -10.38
N LEU B 78 5.77 29.03 -11.03
CA LEU B 78 5.48 28.71 -12.41
C LEU B 78 4.08 28.10 -12.62
N PHE B 79 3.65 27.20 -11.74
CA PHE B 79 2.30 26.65 -11.85
C PHE B 79 1.35 27.80 -11.64
N SER B 81 -1.01 28.86 -8.81
CA SER B 81 -2.22 28.11 -8.67
C SER B 81 -1.88 27.23 -7.49
N PRO B 82 -2.15 27.73 -6.28
CA PRO B 82 -1.81 26.97 -5.07
C PRO B 82 -2.42 25.57 -5.12
N THR B 83 -3.47 25.40 -5.91
CA THR B 83 -4.13 24.11 -6.00
C THR B 83 -3.40 23.14 -6.94
N LEU B 84 -2.94 23.63 -8.09
CA LEU B 84 -2.14 22.78 -8.97
C LEU B 84 -0.75 22.57 -8.37
N LEU B 85 -0.24 23.62 -7.73
CA LEU B 85 1.01 23.52 -7.00
C LEU B 85 0.96 22.31 -6.09
N PHE B 86 0.05 22.35 -5.13
CA PHE B 86 -0.16 21.28 -4.15
C PHE B 86 -0.25 19.90 -4.76
N LEU B 87 -1.03 19.81 -5.84
CA LEU B 87 -1.38 18.53 -6.44
C LEU B 87 -0.28 17.95 -7.30
N LEU B 88 0.61 18.81 -7.79
CA LEU B 88 1.56 18.42 -8.82
C LEU B 88 3.04 18.59 -8.48
N SER B 89 3.37 19.58 -7.67
CA SER B 89 4.76 19.88 -7.36
C SER B 89 5.47 18.77 -6.55
N ARG B 90 6.80 18.78 -6.60
CA ARG B 90 7.61 17.71 -6.03
C ARG B 90 8.30 18.06 -4.71
N GLY B 91 8.07 19.25 -4.17
CA GLY B 91 8.64 19.53 -2.86
C GLY B 91 10.00 20.19 -2.92
N LYS B 92 10.25 21.06 -1.95
CA LYS B 92 11.34 22.03 -1.98
C LYS B 92 12.71 21.52 -2.48
N ALA B 93 13.35 20.62 -1.73
CA ALA B 93 14.65 20.07 -2.13
C ALA B 93 14.69 19.48 -3.56
N ALA B 94 13.79 18.54 -3.86
CA ALA B 94 13.74 17.95 -5.20
C ALA B 94 13.68 19.04 -6.25
N THR B 95 12.84 20.03 -5.98
CA THR B 95 12.61 21.12 -6.90
C THR B 95 13.86 21.98 -7.03
N GLU B 96 14.43 22.39 -5.90
CA GLU B 96 15.65 23.19 -5.89
C GLU B 96 16.76 22.49 -6.63
N ASN B 97 16.80 21.16 -6.52
CA ASN B 97 17.87 20.38 -7.14
C ASN B 97 17.65 20.06 -8.61
N TRP B 98 16.49 20.44 -9.15
CA TRP B 98 16.19 20.14 -10.54
C TRP B 98 17.13 20.87 -11.50
N SER B 99 17.48 20.22 -12.59
CA SER B 99 18.28 20.85 -13.64
C SER B 99 18.20 20.01 -14.91
N ILE B 100 18.81 20.49 -15.99
CA ILE B 100 18.74 19.78 -17.26
C ILE B 100 19.38 18.39 -17.20
N GLU B 101 20.52 18.29 -16.52
CA GLU B 101 21.24 17.02 -16.44
C GLU B 101 20.76 16.21 -15.23
N ASN B 102 19.78 16.76 -14.52
CA ASN B 102 19.17 16.06 -13.39
C ASN B 102 17.66 16.24 -13.35
N LEU B 103 16.96 15.48 -14.21
CA LEU B 103 15.51 15.58 -14.37
C LEU B 103 14.71 14.63 -13.47
N PHE B 104 13.49 15.04 -13.11
CA PHE B 104 12.56 14.21 -12.37
C PHE B 104 12.34 12.89 -13.07
N GLU B 105 11.99 11.86 -12.32
CA GLU B 105 11.61 10.57 -12.89
C GLU B 105 10.30 10.07 -12.26
N GLU B 106 9.88 8.85 -12.62
CA GLU B 106 8.68 8.25 -12.03
C GLU B 106 8.75 8.20 -10.50
N LYS B 107 7.69 8.64 -9.83
CA LYS B 107 7.60 8.57 -8.38
C LYS B 107 6.26 7.96 -7.95
N GLN B 108 6.31 6.90 -7.14
CA GLN B 108 5.11 6.15 -6.74
C GLN B 108 4.06 7.08 -6.15
N ASN B 109 4.53 8.13 -5.50
CA ASN B 109 3.72 8.99 -4.68
C ASN B 109 2.89 10.03 -5.47
N ASP B 110 3.13 10.13 -6.77
CA ASP B 110 2.54 11.23 -7.53
C ASP B 110 1.02 11.08 -7.64
N THR B 111 0.33 12.20 -7.49
CA THR B 111 -1.11 12.28 -7.63
C THR B 111 -1.62 11.65 -8.92
N ALA B 112 -1.06 12.05 -10.05
CA ALA B 112 -1.59 11.63 -11.35
C ALA B 112 -0.69 10.63 -12.07
N ASP B 113 -1.30 9.87 -12.98
CA ASP B 113 -0.60 8.94 -13.84
C ASP B 113 -0.29 9.68 -15.13
N ILE B 114 -1.33 10.27 -15.67
CA ILE B 114 -1.26 11.01 -16.91
C ILE B 114 -1.84 12.41 -16.75
N LEU B 115 -1.14 13.38 -17.31
CA LEU B 115 -1.64 14.74 -17.42
C LEU B 115 -1.99 15.07 -18.86
N LEU B 116 -3.09 15.80 -19.03
CA LEU B 116 -3.49 16.31 -20.32
C LEU B 116 -3.91 17.75 -20.11
N VAL B 117 -3.11 18.69 -20.60
CA VAL B 117 -3.37 20.09 -20.36
C VAL B 117 -3.42 20.90 -21.66
N LYS B 118 -4.52 21.63 -21.86
CA LYS B 118 -4.67 22.51 -23.01
C LYS B 118 -5.19 23.85 -22.53
N ASP B 119 -4.53 24.92 -22.97
CA ASP B 119 -4.98 26.29 -22.69
C ASP B 119 -5.14 26.53 -21.20
N GLN B 120 -4.16 26.05 -20.44
CA GLN B 120 -4.15 26.25 -18.99
C GLN B 120 -5.39 25.64 -18.29
N PHE B 121 -5.85 24.50 -18.79
CA PHE B 121 -6.81 23.66 -18.07
C PHE B 121 -6.26 22.23 -17.99
N TYR B 122 -6.33 21.63 -16.81
CA TYR B 122 -5.61 20.37 -16.57
C TYR B 122 -6.54 19.19 -16.34
N GLU B 123 -6.20 18.07 -16.98
CA GLU B 123 -6.90 16.84 -16.74
C GLU B 123 -6.00 15.85 -16.04
N LEU B 124 -6.18 15.70 -14.73
CA LEU B 124 -5.40 14.72 -13.98
C LEU B 124 -6.07 13.36 -14.16
N LEU B 125 -5.40 12.47 -14.88
CA LEU B 125 -6.00 11.19 -15.21
C LEU B 125 -5.31 10.06 -14.46
N ASP B 126 -6.13 9.15 -13.95
CA ASP B 126 -5.66 8.05 -13.13
C ASP B 126 -6.18 6.75 -13.74
N VAL B 127 -5.28 5.91 -14.21
CA VAL B 127 -5.66 4.60 -14.73
C VAL B 127 -5.75 3.65 -13.56
N LYS B 128 -6.92 3.06 -13.35
CA LYS B 128 -7.04 2.01 -12.35
C LYS B 128 -7.07 0.67 -13.05
N THR B 129 -6.11 -0.19 -12.71
CA THR B 129 -6.03 -1.53 -13.29
C THR B 129 -6.74 -2.51 -12.37
N ARG B 130 -7.34 -3.54 -12.95
CA ARG B 130 -8.24 -4.41 -12.20
C ARG B 130 -8.16 -5.84 -12.73
N ASN B 131 -7.74 -6.76 -11.88
CA ASN B 131 -7.78 -8.16 -12.24
C ASN B 131 -9.23 -8.65 -12.21
N ILE B 132 -9.81 -8.78 -13.40
CA ILE B 132 -11.25 -9.00 -13.56
C ILE B 132 -11.67 -10.43 -13.18
N SER B 133 -10.68 -11.31 -13.08
CA SER B 133 -10.93 -12.71 -12.74
C SER B 133 -10.16 -13.04 -11.48
N LYS B 134 -10.60 -12.47 -10.36
CA LYS B 134 -9.97 -12.69 -9.05
C LYS B 134 -10.93 -12.29 -7.93
N SER B 135 -11.18 -10.98 -7.83
CA SER B 135 -12.26 -10.47 -6.97
C SER B 135 -12.48 -8.98 -7.21
N ALA B 136 -13.65 -8.50 -6.82
CA ALA B 136 -14.01 -7.11 -7.03
C ALA B 136 -13.64 -6.23 -5.84
N PHE B 137 -12.38 -6.31 -5.41
CA PHE B 137 -11.93 -5.47 -4.30
C PHE B 137 -11.66 -4.06 -4.82
N ALA B 138 -12.60 -3.15 -4.59
CA ALA B 138 -12.37 -1.76 -4.98
C ALA B 138 -10.96 -1.31 -4.53
N PRO B 139 -10.19 -0.70 -5.44
CA PRO B 139 -8.83 -0.29 -5.10
C PRO B 139 -8.82 1.16 -4.59
N ASN B 140 -7.69 1.60 -4.06
CA ASN B 140 -7.52 2.97 -3.64
C ASN B 140 -7.62 3.91 -4.83
N ILE B 141 -8.44 4.95 -4.70
CA ILE B 141 -8.66 5.87 -5.79
C ILE B 141 -7.76 7.09 -5.64
N ILE B 142 -7.92 7.76 -4.51
CA ILE B 142 -7.11 8.88 -4.12
C ILE B 142 -7.34 9.13 -2.64
N SER B 143 -6.28 9.47 -1.92
CA SER B 143 -6.45 9.82 -0.51
C SER B 143 -7.55 10.85 -0.34
N ALA B 144 -8.50 10.53 0.53
CA ALA B 144 -9.59 11.42 0.87
C ALA B 144 -9.06 12.63 1.61
N TYR B 145 -7.88 12.51 2.21
CA TYR B 145 -7.30 13.64 2.91
C TYR B 145 -6.63 14.60 1.92
N LYS B 146 -5.90 14.06 0.95
CA LYS B 146 -5.39 14.93 -0.09
C LYS B 146 -6.54 15.68 -0.79
N LEU B 147 -7.62 14.96 -1.08
CA LEU B 147 -8.77 15.55 -1.75
C LEU B 147 -9.32 16.72 -0.97
N ALA B 148 -9.43 16.52 0.34
CA ALA B 148 -9.95 17.52 1.26
C ALA B 148 -9.13 18.80 1.19
N GLN B 149 -7.81 18.64 1.27
CA GLN B 149 -6.91 19.76 1.10
C GLN B 149 -7.19 20.49 -0.21
N THR B 150 -7.15 19.75 -1.32
CA THR B 150 -7.49 20.29 -2.62
C THR B 150 -8.78 21.11 -2.59
N CYS B 151 -9.87 20.48 -2.18
CA CYS B 151 -11.15 21.15 -2.14
C CYS B 151 -11.04 22.47 -1.37
N ALA B 152 -10.35 22.43 -0.23
CA ALA B 152 -10.14 23.63 0.59
C ALA B 152 -9.43 24.73 -0.20
N LYS B 153 -8.38 24.34 -0.91
CA LYS B 153 -7.60 25.27 -1.72
C LYS B 153 -8.40 25.85 -2.88
N MET B 154 -9.21 25.02 -3.55
CA MET B 154 -10.07 25.50 -4.64
C MET B 154 -10.96 26.62 -4.14
N ILE B 155 -11.49 26.46 -2.94
CA ILE B 155 -12.35 27.45 -2.34
C ILE B 155 -11.58 28.71 -1.90
N ASP B 156 -10.63 28.53 -1.00
CA ASP B 156 -9.80 29.65 -0.57
C ASP B 156 -9.32 30.49 -1.76
N ASN B 157 -8.96 29.83 -2.85
CA ASN B 157 -8.42 30.50 -4.01
C ASN B 157 -9.43 30.66 -5.14
N LYS B 158 -10.71 30.52 -4.80
CA LYS B 158 -11.78 30.66 -5.79
C LYS B 158 -11.43 30.15 -7.19
N GLU B 159 -10.73 29.03 -7.28
CA GLU B 159 -10.45 28.46 -8.61
C GLU B 159 -11.19 27.12 -8.85
N PHE B 160 -12.34 27.21 -9.52
CA PHE B 160 -13.22 26.05 -9.74
C PHE B 160 -13.21 25.52 -11.16
N ASP B 161 -12.48 26.20 -12.04
CA ASP B 161 -12.45 25.81 -13.45
C ASP B 161 -11.02 25.82 -13.95
N LEU B 162 -10.24 24.86 -13.47
CA LEU B 162 -8.82 24.77 -13.79
C LEU B 162 -8.42 23.34 -14.12
N PHE B 163 -9.08 22.39 -13.45
CA PHE B 163 -8.69 20.97 -13.53
C PHE B 163 -9.83 20.02 -13.16
N ASP B 164 -9.74 18.82 -13.71
CA ASP B 164 -10.64 17.73 -13.39
C ASP B 164 -9.76 16.54 -12.98
N ILE B 165 -10.30 15.67 -12.13
CA ILE B 165 -9.60 14.42 -11.81
C ILE B 165 -10.40 13.22 -12.30
N ASN B 166 -10.01 12.69 -13.44
CA ASN B 166 -10.81 11.66 -14.06
C ASN B 166 -10.09 10.32 -13.94
N TYR B 167 -10.86 9.24 -14.04
CA TYR B 167 -10.28 7.92 -13.95
C TYR B 167 -10.64 7.12 -15.19
N LEU B 168 -9.72 6.26 -15.59
CA LEU B 168 -9.98 5.34 -16.66
C LEU B 168 -9.65 3.97 -16.13
N GLU B 169 -10.68 3.16 -15.91
CA GLU B 169 -10.48 1.80 -15.39
C GLU B 169 -10.06 0.89 -16.53
N VAL B 170 -9.21 -0.07 -16.22
CA VAL B 170 -8.74 -1.02 -17.21
C VAL B 170 -8.71 -2.45 -16.67
N ASP B 171 -9.77 -3.19 -16.96
CA ASP B 171 -9.95 -4.55 -16.47
C ASP B 171 -9.12 -5.51 -17.32
N TRP B 172 -8.59 -6.56 -16.68
CA TRP B 172 -7.74 -7.51 -17.39
C TRP B 172 -7.84 -8.93 -16.85
N GLU B 173 -7.33 -9.87 -17.63
CA GLU B 173 -7.51 -11.29 -17.37
C GLU B 173 -6.27 -12.06 -17.84
N LEU B 174 -5.97 -13.19 -17.20
CA LEU B 174 -4.76 -13.95 -17.56
C LEU B 174 -5.09 -15.05 -18.56
N ASN B 175 -6.00 -14.76 -19.48
CA ASN B 175 -6.35 -15.69 -20.54
C ASN B 175 -5.25 -15.75 -21.59
N GLY B 176 -4.22 -16.56 -21.32
CA GLY B 176 -3.08 -16.71 -22.19
C GLY B 176 -1.77 -16.76 -21.42
N GLU B 177 -0.66 -16.77 -22.13
CA GLU B 177 0.67 -16.70 -21.52
C GLU B 177 0.99 -15.25 -21.17
N ASP B 178 -0.06 -14.42 -21.18
CA ASP B 178 0.06 -13.00 -20.91
C ASP B 178 -1.22 -12.51 -20.23
N LEU B 179 -1.26 -11.22 -19.96
CA LEU B 179 -2.44 -10.60 -19.40
C LEU B 179 -3.18 -9.87 -20.52
N VAL B 180 -4.45 -10.22 -20.72
CA VAL B 180 -5.26 -9.58 -21.75
C VAL B 180 -6.22 -8.54 -21.15
N CYS B 181 -6.38 -7.40 -21.82
CA CYS B 181 -7.42 -6.44 -21.46
C CYS B 181 -8.78 -6.90 -21.96
N VAL B 182 -9.75 -6.92 -21.06
CA VAL B 182 -11.08 -7.42 -21.37
C VAL B 182 -12.06 -6.26 -21.56
N SER B 183 -11.82 -5.17 -20.85
CA SER B 183 -12.71 -4.01 -20.91
C SER B 183 -12.09 -2.77 -20.27
N THR B 184 -12.77 -1.64 -20.45
CA THR B 184 -12.35 -0.36 -19.91
C THR B 184 -13.56 0.46 -19.46
N SER B 185 -13.31 1.58 -18.79
CA SER B 185 -14.36 2.50 -18.37
C SER B 185 -13.77 3.87 -18.12
N PHE B 186 -14.62 4.86 -17.95
CA PHE B 186 -14.12 6.21 -17.70
C PHE B 186 -15.11 7.05 -16.91
N ALA B 187 -14.63 7.75 -15.89
CA ALA B 187 -15.51 8.53 -15.02
C ALA B 187 -14.82 9.80 -14.57
N GLU B 188 -15.60 10.76 -14.12
CA GLU B 188 -15.06 12.01 -13.61
C GLU B 188 -15.34 12.16 -12.12
N LEU B 189 -14.28 12.29 -11.34
CA LEU B 189 -14.42 12.43 -9.91
C LEU B 189 -15.44 13.51 -9.58
N PHE B 190 -15.40 14.60 -10.33
CA PHE B 190 -16.22 15.78 -10.00
C PHE B 190 -17.63 15.76 -10.61
N LYS B 191 -17.99 14.64 -11.22
CA LYS B 191 -19.35 14.42 -11.67
C LYS B 191 -19.98 13.37 -10.76
N SER B 192 -19.26 13.03 -9.69
CA SER B 192 -19.77 12.03 -8.76
C SER B 192 -20.43 12.71 -7.57
N GLU B 193 -21.43 12.06 -7.00
CA GLU B 193 -21.99 12.53 -5.75
C GLU B 193 -21.00 12.33 -4.61
N PRO B 194 -20.55 13.44 -4.01
CA PRO B 194 -19.54 13.38 -2.94
C PRO B 194 -19.98 12.50 -1.78
N SER B 195 -21.06 12.88 -1.11
CA SER B 195 -21.55 12.18 0.08
C SER B 195 -21.67 10.68 -0.09
N GLU B 196 -21.45 10.22 -1.32
CA GLU B 196 -21.60 8.81 -1.67
C GLU B 196 -20.27 8.07 -1.74
N LEU B 197 -19.17 8.81 -1.85
CA LEU B 197 -17.85 8.21 -2.01
C LEU B 197 -17.41 7.47 -0.74
N TYR B 198 -16.82 6.29 -0.90
CA TYR B 198 -16.35 5.52 0.25
C TYR B 198 -14.92 5.86 0.66
N ILE B 199 -14.77 6.23 1.92
CA ILE B 199 -13.44 6.51 2.46
C ILE B 199 -12.99 5.37 3.35
N ASN B 200 -12.05 4.58 2.85
CA ASN B 200 -11.49 3.47 3.61
C ASN B 200 -10.33 3.98 4.46
N TRP B 201 -10.65 4.37 5.68
CA TRP B 201 -9.68 5.03 6.51
C TRP B 201 -8.39 4.26 6.71
N ALA B 202 -8.45 2.98 6.98
CA ALA B 202 -7.20 2.26 7.22
C ALA B 202 -6.36 2.16 5.97
N ALA B 203 -6.99 2.02 4.81
CA ALA B 203 -6.24 1.84 3.59
C ALA B 203 -5.72 3.19 3.09
N ALA B 204 -4.88 3.82 3.90
CA ALA B 204 -4.28 5.09 3.53
C ALA B 204 -5.30 6.22 3.39
N MET B 205 -6.39 6.16 4.14
CA MET B 205 -7.43 7.17 4.01
C MET B 205 -7.96 7.30 2.58
N GLN B 206 -7.82 6.23 1.80
CA GLN B 206 -8.17 6.28 0.39
C GLN B 206 -9.65 6.16 0.08
N ILE B 207 -10.10 6.94 -0.90
CA ILE B 207 -11.39 6.74 -1.51
C ILE B 207 -11.29 5.46 -2.33
N GLN B 208 -12.26 4.58 -2.19
CA GLN B 208 -12.19 3.32 -2.93
C GLN B 208 -13.42 3.10 -3.79
N PHE B 209 -13.18 2.77 -5.06
CA PHE B 209 -14.27 2.39 -5.95
C PHE B 209 -13.76 1.77 -7.24
N HIS B 210 -14.67 1.10 -7.93
CA HIS B 210 -14.44 0.76 -9.32
C HIS B 210 -14.98 1.89 -10.19
N VAL B 211 -14.18 2.31 -11.15
CA VAL B 211 -14.58 3.38 -12.07
C VAL B 211 -15.95 3.11 -12.70
N ARG B 212 -16.24 1.84 -12.97
CA ARG B 212 -17.49 1.44 -13.61
C ARG B 212 -18.73 1.60 -12.74
N ASP B 213 -18.56 1.58 -11.42
CA ASP B 213 -19.70 1.79 -10.53
C ASP B 213 -19.82 3.24 -10.05
N LEU B 214 -18.86 4.07 -10.41
CA LEU B 214 -18.84 5.45 -9.91
C LEU B 214 -20.04 6.23 -10.46
N ASP B 215 -20.87 6.73 -9.55
CA ASP B 215 -22.00 7.55 -9.96
C ASP B 215 -21.51 8.76 -10.72
N GLN B 216 -22.19 9.11 -11.80
CA GLN B 216 -21.80 10.26 -12.59
C GLN B 216 -22.91 11.30 -12.73
N GLY B 217 -23.77 11.40 -11.72
CA GLY B 217 -24.83 12.39 -11.72
C GLY B 217 -24.29 13.78 -11.45
N PHE B 218 -24.42 14.19 -10.18
CA PHE B 218 -24.07 15.52 -9.70
C PHE B 218 -24.30 16.64 -10.72
N ASN B 219 -25.32 17.46 -10.45
CA ASN B 219 -25.67 18.55 -11.33
C ASN B 219 -25.56 19.89 -10.61
N GLY B 220 -24.53 20.00 -9.78
CA GLY B 220 -24.24 21.23 -9.08
C GLY B 220 -22.99 21.84 -9.69
N THR B 221 -22.48 22.87 -9.03
CA THR B 221 -21.30 23.59 -9.48
C THR B 221 -20.06 23.08 -8.75
N ARG B 222 -18.93 23.07 -9.45
CA ARG B 222 -17.67 22.64 -8.89
C ARG B 222 -17.46 23.12 -7.47
N GLU B 223 -17.88 24.35 -7.20
CA GLU B 223 -17.81 24.90 -5.85
C GLU B 223 -18.70 24.10 -4.90
N GLU B 224 -19.92 23.84 -5.33
CA GLU B 224 -20.86 23.09 -4.51
C GLU B 224 -20.33 21.69 -4.19
N TRP B 225 -19.78 21.02 -5.19
CA TRP B 225 -19.18 19.71 -5.03
C TRP B 225 -18.15 19.73 -3.89
N ALA B 226 -17.36 20.80 -3.84
CA ALA B 226 -16.28 20.91 -2.89
C ALA B 226 -16.76 21.04 -1.46
N LYS B 227 -17.74 21.92 -1.25
CA LYS B 227 -18.26 22.15 0.10
C LYS B 227 -19.12 20.98 0.52
N SER B 228 -19.54 20.18 -0.45
CA SER B 228 -20.28 18.97 -0.15
C SER B 228 -19.30 17.86 0.20
N TYR B 229 -18.21 17.76 -0.57
CA TYR B 229 -17.20 16.77 -0.27
C TYR B 229 -16.61 16.98 1.12
N LEU B 230 -16.30 18.23 1.45
CA LEU B 230 -15.71 18.56 2.75
C LEU B 230 -16.61 18.16 3.90
N LYS B 231 -17.92 18.43 3.77
CA LYS B 231 -18.87 18.02 4.80
C LYS B 231 -18.89 16.49 4.93
N HIS B 232 -18.74 15.80 3.81
CA HIS B 232 -18.69 14.34 3.81
C HIS B 232 -17.42 13.87 4.54
N PHE B 233 -16.28 14.42 4.15
CA PHE B 233 -15.01 14.16 4.82
C PHE B 233 -15.15 14.30 6.33
N VAL B 234 -15.51 15.49 6.79
CA VAL B 234 -15.64 15.77 8.22
C VAL B 234 -16.56 14.77 8.92
N THR B 235 -17.72 14.51 8.34
CA THR B 235 -18.68 13.58 8.94
C THR B 235 -18.07 12.17 9.03
N GLN B 236 -17.41 11.75 7.96
CA GLN B 236 -16.77 10.44 7.96
C GLN B 236 -15.57 10.36 8.91
N ALA B 237 -14.77 11.41 8.99
CA ALA B 237 -13.70 11.49 9.99
C ALA B 237 -14.23 11.32 11.43
N GLU B 238 -15.43 11.81 11.66
CA GLU B 238 -16.05 11.70 12.99
C GLU B 238 -16.52 10.28 13.27
N GLN B 239 -17.15 9.66 12.29
CA GLN B 239 -17.49 8.25 12.42
C GLN B 239 -16.27 7.39 12.73
N ARG B 240 -15.20 7.56 11.95
CA ARG B 240 -14.01 6.71 12.08
C ARG B 240 -13.37 6.77 13.47
N ALA B 241 -13.30 7.98 14.02
CA ALA B 241 -12.78 8.21 15.36
C ALA B 241 -13.57 7.45 16.42
N ILE B 242 -14.88 7.46 16.29
CA ILE B 242 -15.74 6.62 17.10
C ILE B 242 -15.54 5.12 16.82
N SER B 243 -15.49 4.73 15.55
CA SER B 243 -15.31 3.33 15.18
C SER B 243 -14.05 2.76 15.79
N MET B 244 -13.01 3.60 15.87
CA MET B 244 -11.74 3.16 16.41
C MET B 244 -11.92 2.68 17.83
N ILE B 245 -12.79 3.37 18.56
CA ILE B 245 -13.05 3.02 19.94
C ILE B 245 -13.70 1.65 20.01
N ASP B 246 -14.71 1.45 19.19
CA ASP B 246 -15.56 0.26 19.26
C ASP B 246 -14.80 -0.97 18.79
N LYS B 247 -14.03 -0.76 17.72
CA LYS B 247 -13.22 -1.78 17.09
C LYS B 247 -11.84 -2.00 17.73
N PHE B 248 -11.14 -0.94 18.15
CA PHE B 248 -9.76 -1.14 18.62
C PHE B 248 -9.53 -0.90 20.11
N VAL B 249 -10.57 -0.51 20.84
CA VAL B 249 -10.37 -0.24 22.26
C VAL B 249 -11.22 -1.15 23.13
N LYS B 250 -12.53 -1.10 22.92
CA LYS B 250 -13.47 -1.90 23.70
C LYS B 250 -13.12 -3.40 23.69
N PRO B 251 -12.80 -3.95 22.50
CA PRO B 251 -12.53 -5.40 22.43
C PRO B 251 -11.23 -5.85 23.09
N PHE B 252 -10.40 -4.92 23.57
CA PHE B 252 -9.11 -5.32 24.10
C PHE B 252 -8.85 -4.85 25.52
N LYS B 253 -9.73 -4.00 26.05
CA LYS B 253 -9.57 -3.51 27.41
C LYS B 253 -9.55 -4.64 28.46
N LYS B 254 -10.22 -5.75 28.14
CA LYS B 254 -10.30 -6.89 29.06
C LYS B 254 -9.00 -7.65 29.27
N TYR B 255 -7.95 -7.26 28.55
CA TYR B 255 -6.68 -7.97 28.61
C TYR B 255 -5.63 -7.15 29.34
N ILE B 256 -5.71 -5.84 29.12
CA ILE B 256 -4.68 -4.89 29.57
C ILE B 256 -4.24 -5.18 31.01
NA NA E . 4.14 -7.91 7.30
CA CA F . 8.20 -8.65 2.97
NA NA G . -4.23 8.54 -6.58
CA CA H . -3.00 4.22 -11.05
#